data_4ROO
# 
_entry.id   4ROO 
# 
_audit_conform.dict_name       mmcif_pdbx.dic 
_audit_conform.dict_version    5.379 
_audit_conform.dict_location   http://mmcif.pdb.org/dictionaries/ascii/mmcif_pdbx.dic 
# 
loop_
_database_2.database_id 
_database_2.database_code 
_database_2.pdbx_database_accession 
_database_2.pdbx_DOI 
PDB   4ROO         pdb_00004roo 10.2210/pdb4roo/pdb 
NDB   NA3268       ?            ?                   
RCSB  RCSB087605   ?            ?                   
WWPDB D_1000087605 ?            ?                   
# 
loop_
_pdbx_database_related.db_name 
_pdbx_database_related.db_id 
_pdbx_database_related.details 
_pdbx_database_related.content_type 
PDB 4RNK 'Sequence and structure of a self-assembled 3-D DNA crystal: D(GGAAAATTTGGAG)' unspecified 
PDB 1P1Y 'Crystal structure of a continuous three-dimensional DNA lattice.'             unspecified 
PDB 4RO4 .                                                                              unspecified 
PDB 4RO7 .                                                                              unspecified 
PDB 4RO8 .                                                                              unspecified 
PDB 4ROG .                                                                              unspecified 
PDB 4ROK .                                                                              unspecified 
PDB 4RON .                                                                              unspecified 
# 
_pdbx_database_status.status_code                     REL 
_pdbx_database_status.entry_id                        4ROO 
_pdbx_database_status.recvd_initial_deposition_date   2014-10-28 
_pdbx_database_status.deposit_site                    RCSB 
_pdbx_database_status.process_site                    RCSB 
_pdbx_database_status.status_code_sf                  REL 
_pdbx_database_status.status_code_mr                  ? 
_pdbx_database_status.SG_entry                        ? 
_pdbx_database_status.status_code_cs                  ? 
_pdbx_database_status.methods_development_category    ? 
_pdbx_database_status.pdb_format_compatible           Y 
_pdbx_database_status.status_code_nmr_data            ? 
# 
loop_
_audit_author.name 
_audit_author.pdbx_ordinal 
'Saoji, M.M.'      1 
'Paukstelis, P.J.' 2 
# 
loop_
_citation.id 
_citation.title 
_citation.journal_abbrev 
_citation.journal_volume 
_citation.page_first 
_citation.page_last 
_citation.year 
_citation.journal_id_ASTM 
_citation.country 
_citation.journal_id_ISSN 
_citation.journal_id_CSD 
_citation.book_publisher 
_citation.pdbx_database_id_PubMed 
_citation.pdbx_database_id_DOI 
primary 'Probing the role of sequence in the assembly of three-dimensional DNA crystals.' Biopolymers 103 618  626  2015 BIPMAA US 
0006-3525 0161 ? 26015367 10.1002/bip.22688              
1       'Crystal structure of a continuous three-dimensional DNA lattice.'                Chem.Biol.  11  1119 1126 2004 CBOLE2 UK 
1074-5521 2050 ? 15324813 10.1016/j.chembiol.2004.05.021 
# 
loop_
_citation_author.citation_id 
_citation_author.name 
_citation_author.ordinal 
_citation_author.identifier_ORCID 
primary 'Saoji, M.'        1 ? 
primary 'Zhang, D.'        2 ? 
primary 'Paukstelis, P.J.' 3 ? 
1       'Paukstelis, P.J.' 4 ? 
1       'Nowakowski, J.'   5 ? 
1       'Birktoft, J.J.'   6 ? 
1       'Seeman, N.C.'     7 ? 
# 
_cell.entry_id           4ROO 
_cell.length_a           40.789 
_cell.length_b           40.789 
_cell.length_c           52.007 
_cell.angle_alpha        90.00 
_cell.angle_beta         90.00 
_cell.angle_gamma        120.00 
_cell.Z_PDB              6 
_cell.pdbx_unique_axis   ? 
_cell.length_a_esd       ? 
_cell.length_b_esd       ? 
_cell.length_c_esd       ? 
_cell.angle_alpha_esd    ? 
_cell.angle_beta_esd     ? 
_cell.angle_gamma_esd    ? 
# 
_symmetry.entry_id                         4ROO 
_symmetry.space_group_name_H-M             'P 64' 
_symmetry.pdbx_full_space_group_name_H-M   ? 
_symmetry.cell_setting                     ? 
_symmetry.Int_Tables_number                172 
_symmetry.space_group_name_Hall            ? 
# 
loop_
_entity.id 
_entity.type 
_entity.src_method 
_entity.pdbx_description 
_entity.formula_weight 
_entity.pdbx_number_of_molecules 
_entity.pdbx_ec 
_entity.pdbx_mutation 
_entity.pdbx_fragment 
_entity.details 
1 polymer     syn 'D(GGACCGCGGGGAG)' 4082.647 1 ? ? ? ? 
2 non-polymer syn 'MAGNESIUM ION'    24.305   1 ? ? ? ? 
# 
_entity_poly.entity_id                      1 
_entity_poly.type                           polydeoxyribonucleotide 
_entity_poly.nstd_linkage                   no 
_entity_poly.nstd_monomer                   no 
_entity_poly.pdbx_seq_one_letter_code       '(DG)(DG)(DA)(DC)(DC)(DG)(DC)(DG)(DG)(DG)(DG)(DA)(DG)' 
_entity_poly.pdbx_seq_one_letter_code_can   GGACCGCGGGGAG 
_entity_poly.pdbx_strand_id                 A 
_entity_poly.pdbx_target_identifier         ? 
# 
loop_
_entity_poly_seq.entity_id 
_entity_poly_seq.num 
_entity_poly_seq.mon_id 
_entity_poly_seq.hetero 
1 1  DG n 
1 2  DG n 
1 3  DA n 
1 4  DC n 
1 5  DC n 
1 6  DG n 
1 7  DC n 
1 8  DG n 
1 9  DG n 
1 10 DG n 
1 11 DG n 
1 12 DA n 
1 13 DG n 
# 
_pdbx_entity_src_syn.entity_id              1 
_pdbx_entity_src_syn.pdbx_src_id            1 
_pdbx_entity_src_syn.pdbx_alt_source_flag   sample 
_pdbx_entity_src_syn.pdbx_beg_seq_num       ? 
_pdbx_entity_src_syn.pdbx_end_seq_num       ? 
_pdbx_entity_src_syn.organism_scientific    ? 
_pdbx_entity_src_syn.organism_common_name   ? 
_pdbx_entity_src_syn.ncbi_taxonomy_id       ? 
_pdbx_entity_src_syn.details                'DNA molecule synthesized using a DNA synthesizer.' 
# 
_struct_ref.id                         1 
_struct_ref.db_name                    PDB 
_struct_ref.db_code                    4ROO 
_struct_ref.pdbx_db_accession          4ROO 
_struct_ref.entity_id                  1 
_struct_ref.pdbx_align_begin           ? 
_struct_ref.pdbx_seq_one_letter_code   GGACCGCGGGGAG 
_struct_ref.pdbx_db_isoform            ? 
# 
_struct_ref_seq.align_id                      1 
_struct_ref_seq.ref_id                        1 
_struct_ref_seq.pdbx_PDB_id_code              4ROO 
_struct_ref_seq.pdbx_strand_id                A 
_struct_ref_seq.seq_align_beg                 1 
_struct_ref_seq.pdbx_seq_align_beg_ins_code   ? 
_struct_ref_seq.seq_align_end                 13 
_struct_ref_seq.pdbx_seq_align_end_ins_code   ? 
_struct_ref_seq.pdbx_db_accession             4ROO 
_struct_ref_seq.db_align_beg                  1 
_struct_ref_seq.pdbx_db_align_beg_ins_code    ? 
_struct_ref_seq.db_align_end                  13 
_struct_ref_seq.pdbx_db_align_end_ins_code    ? 
_struct_ref_seq.pdbx_auth_seq_align_beg       1 
_struct_ref_seq.pdbx_auth_seq_align_end       13 
# 
loop_
_chem_comp.id 
_chem_comp.type 
_chem_comp.mon_nstd_flag 
_chem_comp.name 
_chem_comp.pdbx_synonyms 
_chem_comp.formula 
_chem_comp.formula_weight 
DA 'DNA linking' y "2'-DEOXYADENOSINE-5'-MONOPHOSPHATE" ? 'C10 H14 N5 O6 P' 331.222 
DC 'DNA linking' y "2'-DEOXYCYTIDINE-5'-MONOPHOSPHATE"  ? 'C9 H14 N3 O7 P'  307.197 
DG 'DNA linking' y "2'-DEOXYGUANOSINE-5'-MONOPHOSPHATE" ? 'C10 H14 N5 O7 P' 347.221 
MG non-polymer   . 'MAGNESIUM ION'                      ? 'Mg 2'            24.305  
# 
_exptl.entry_id          4ROO 
_exptl.method            'X-RAY DIFFRACTION' 
_exptl.crystals_number   1 
# 
_exptl_crystal.id                    1 
_exptl_crystal.density_meas          ? 
_exptl_crystal.density_Matthews      3.06 
_exptl_crystal.density_percent_sol   59.79 
_exptl_crystal.description           ? 
_exptl_crystal.F_000                 ? 
_exptl_crystal.preparation           ? 
# 
_exptl_crystal_grow.crystal_id      1 
_exptl_crystal_grow.method          EVAPORATION 
_exptl_crystal_grow.temp            298 
_exptl_crystal_grow.temp_details    ? 
_exptl_crystal_grow.pH              ? 
_exptl_crystal_grow.pdbx_details    
'120mM Magnesium Formate, 50mM Lithium Chloride, 10% MPD, pH none, EVAPORATION, temperature 298K' 
_exptl_crystal_grow.pdbx_pH_range   none 
# 
_diffrn.id                     1 
_diffrn.ambient_temp           100 
_diffrn.ambient_temp_details   ? 
_diffrn.crystal_id             1 
# 
_diffrn_detector.diffrn_id              1 
_diffrn_detector.detector               PIXEL 
_diffrn_detector.type                   'DECTRIS PILATUS 6M-F' 
_diffrn_detector.pdbx_collection_date   2014-06-29 
_diffrn_detector.details                ? 
# 
_diffrn_radiation.diffrn_id                        1 
_diffrn_radiation.wavelength_id                    1 
_diffrn_radiation.pdbx_monochromatic_or_laue_m_l   M 
_diffrn_radiation.monochromator                    'Si(111)' 
_diffrn_radiation.pdbx_diffrn_protocol             'SINGLE WAVELENGTH' 
_diffrn_radiation.pdbx_scattering_type             x-ray 
# 
_diffrn_radiation_wavelength.id           1 
_diffrn_radiation_wavelength.wavelength   0.979200 
_diffrn_radiation_wavelength.wt           1.0 
# 
_diffrn_source.diffrn_id                   1 
_diffrn_source.source                      SYNCHROTRON 
_diffrn_source.type                        'APS BEAMLINE 24-ID-C' 
_diffrn_source.pdbx_synchrotron_site       APS 
_diffrn_source.pdbx_synchrotron_beamline   24-ID-C 
_diffrn_source.pdbx_wavelength             ? 
_diffrn_source.pdbx_wavelength_list        0.979200 
# 
_reflns.entry_id                     4ROO 
_reflns.observed_criterion_sigma_I   0 
_reflns.observed_criterion_sigma_F   0 
_reflns.d_resolution_low             52.01 
_reflns.d_resolution_high            2.37 
_reflns.number_obs                   1999 
_reflns.number_all                   ? 
_reflns.percent_possible_obs         ? 
_reflns.pdbx_Rmerge_I_obs            0.025 
_reflns.pdbx_Rsym_value              ? 
_reflns.pdbx_netI_over_sigmaI        23.0 
_reflns.B_iso_Wilson_estimate        ? 
_reflns.pdbx_redundancy              3.8 
_reflns.R_free_details               ? 
_reflns.limit_h_max                  ? 
_reflns.limit_h_min                  ? 
_reflns.limit_k_max                  ? 
_reflns.limit_k_min                  ? 
_reflns.limit_l_max                  ? 
_reflns.limit_l_min                  ? 
_reflns.observed_criterion_F_max     ? 
_reflns.observed_criterion_F_min     ? 
_reflns.pdbx_chi_squared             ? 
_reflns.pdbx_scaling_rejects         ? 
_reflns.pdbx_ordinal                 1 
_reflns.pdbx_diffrn_id               1 
# 
_reflns_shell.d_res_high             2.37 
_reflns_shell.d_res_low              2.50 
_reflns_shell.percent_possible_all   ? 
_reflns_shell.Rmerge_I_obs           1.257 
_reflns_shell.pdbx_Rsym_value        ? 
_reflns_shell.meanI_over_sigI_obs    0.9 
_reflns_shell.pdbx_redundancy        3.8 
_reflns_shell.percent_possible_obs   ? 
_reflns_shell.number_unique_all      291 
_reflns_shell.number_measured_all    ? 
_reflns_shell.number_measured_obs    ? 
_reflns_shell.number_unique_obs      ? 
_reflns_shell.pdbx_chi_squared       ? 
_reflns_shell.pdbx_ordinal           1 
_reflns_shell.pdbx_diffrn_id         1 
# 
_refine.entry_id                                 4ROO 
_refine.ls_number_reflns_obs                     1772 
_refine.ls_number_reflns_all                     ? 
_refine.pdbx_ls_sigma_I                          ? 
_refine.pdbx_ls_sigma_F                          . 
_refine.pdbx_data_cutoff_high_absF               ? 
_refine.pdbx_data_cutoff_low_absF                ? 
_refine.pdbx_data_cutoff_high_rms_absF           ? 
_refine.ls_d_res_low                             35.32 
_refine.ls_d_res_high                            2.37 
_refine.ls_percent_reflns_obs                    96.44 
_refine.ls_R_factor_obs                          0.24356 
_refine.ls_R_factor_all                          ? 
_refine.ls_R_factor_R_work                       0.23730 
_refine.ls_R_factor_R_free                       0.30136 
_refine.ls_R_factor_R_free_error                 ? 
_refine.ls_R_factor_R_free_error_details         ? 
_refine.ls_percent_reflns_R_free                 9.3 
_refine.ls_number_reflns_R_free                  181 
_refine.ls_number_parameters                     ? 
_refine.ls_number_restraints                     ? 
_refine.occupancy_min                            ? 
_refine.occupancy_max                            ? 
_refine.correlation_coeff_Fo_to_Fc               0.967 
_refine.correlation_coeff_Fo_to_Fc_free          0.945 
_refine.B_iso_mean                               79.754 
_refine.aniso_B[1][1]                            -1.12 
_refine.aniso_B[2][2]                            -1.12 
_refine.aniso_B[3][3]                            3.63 
_refine.aniso_B[1][2]                            -0.56 
_refine.aniso_B[1][3]                            -0.00 
_refine.aniso_B[2][3]                            0.00 
_refine.solvent_model_details                    MASK 
_refine.solvent_model_param_ksol                 ? 
_refine.solvent_model_param_bsol                 ? 
_refine.pdbx_solvent_vdw_probe_radii             1.00 
_refine.pdbx_solvent_ion_probe_radii             0.70 
_refine.pdbx_solvent_shrinkage_radii             0.70 
_refine.pdbx_ls_cross_valid_method               THROUGHOUT 
_refine.details                                  'HYDROGENS HAVE BEEN ADDED IN THE RIDING POSITIONS' 
_refine.pdbx_starting_model                      1p1y 
_refine.pdbx_method_to_determine_struct          'MOLECULAR REPLACEMENT' 
_refine.pdbx_isotropic_thermal_model             ? 
_refine.pdbx_stereochemistry_target_values       'MAXIMUM LIKELIHOOD' 
_refine.pdbx_stereochem_target_val_spec_case     ? 
_refine.pdbx_R_Free_selection_details            RANDOM 
_refine.pdbx_overall_ESU_R                       0.343 
_refine.pdbx_overall_ESU_R_Free                  0.284 
_refine.overall_SU_ML                            0.315 
_refine.pdbx_overall_phase_error                 ? 
_refine.overall_SU_B                             17.893 
_refine.overall_SU_R_Cruickshank_DPI             ? 
_refine.ls_redundancy_reflns_obs                 ? 
_refine.B_iso_min                                ? 
_refine.B_iso_max                                ? 
_refine.overall_SU_R_free                        ? 
_refine.ls_wR_factor_R_free                      ? 
_refine.ls_wR_factor_R_work                      ? 
_refine.overall_FOM_free_R_set                   ? 
_refine.overall_FOM_work_R_set                   ? 
_refine.pdbx_diffrn_id                           1 
_refine.pdbx_refine_id                           'X-RAY DIFFRACTION' 
_refine.pdbx_TLS_residual_ADP_flag               ? 
_refine.pdbx_overall_SU_R_free_Cruickshank_DPI   ? 
_refine.pdbx_overall_SU_R_Blow_DPI               ? 
_refine.pdbx_overall_SU_R_free_Blow_DPI          ? 
# 
_refine_hist.pdbx_refine_id                   'X-RAY DIFFRACTION' 
_refine_hist.cycle_id                         LAST 
_refine_hist.pdbx_number_atoms_protein        0 
_refine_hist.pdbx_number_atoms_nucleic_acid   254 
_refine_hist.pdbx_number_atoms_ligand         1 
_refine_hist.number_atoms_solvent             0 
_refine_hist.number_atoms_total               255 
_refine_hist.d_res_high                       2.37 
_refine_hist.d_res_low                        35.32 
# 
loop_
_refine_ls_restr.type 
_refine_ls_restr.dev_ideal 
_refine_ls_restr.dev_ideal_target 
_refine_ls_restr.weight 
_refine_ls_restr.number 
_refine_ls_restr.pdbx_restraint_function 
_refine_ls_restr.pdbx_refine_id 
r_bond_refined_d             0.008  0.011  ? 286 ? 'X-RAY DIFFRACTION' 
r_bond_other_d               0.003  0.020  ? 133 ? 'X-RAY DIFFRACTION' 
r_angle_refined_deg          1.439  1.144  ? 442 ? 'X-RAY DIFFRACTION' 
r_angle_other_deg            1.664  3.000  ? 313 ? 'X-RAY DIFFRACTION' 
r_dihedral_angle_1_deg       ?      ?      ? ?   ? 'X-RAY DIFFRACTION' 
r_dihedral_angle_2_deg       ?      ?      ? ?   ? 'X-RAY DIFFRACTION' 
r_dihedral_angle_3_deg       ?      ?      ? ?   ? 'X-RAY DIFFRACTION' 
r_dihedral_angle_4_deg       ?      ?      ? ?   ? 'X-RAY DIFFRACTION' 
r_chiral_restr               0.080  0.200  ? 36  ? 'X-RAY DIFFRACTION' 
r_gen_planes_refined         0.012  0.020  ? 155 ? 'X-RAY DIFFRACTION' 
r_gen_planes_other           0.002  0.020  ? 70  ? 'X-RAY DIFFRACTION' 
r_nbd_refined                ?      ?      ? ?   ? 'X-RAY DIFFRACTION' 
r_nbd_other                  ?      ?      ? ?   ? 'X-RAY DIFFRACTION' 
r_nbtor_refined              ?      ?      ? ?   ? 'X-RAY DIFFRACTION' 
r_nbtor_other                ?      ?      ? ?   ? 'X-RAY DIFFRACTION' 
r_xyhbond_nbd_refined        ?      ?      ? ?   ? 'X-RAY DIFFRACTION' 
r_xyhbond_nbd_other          ?      ?      ? ?   ? 'X-RAY DIFFRACTION' 
r_metal_ion_refined          ?      ?      ? ?   ? 'X-RAY DIFFRACTION' 
r_metal_ion_other            ?      ?      ? ?   ? 'X-RAY DIFFRACTION' 
r_symmetry_vdw_refined       ?      ?      ? ?   ? 'X-RAY DIFFRACTION' 
r_symmetry_vdw_other         ?      ?      ? ?   ? 'X-RAY DIFFRACTION' 
r_symmetry_hbond_refined     ?      ?      ? ?   ? 'X-RAY DIFFRACTION' 
r_symmetry_hbond_other       ?      ?      ? ?   ? 'X-RAY DIFFRACTION' 
r_symmetry_metal_ion_refined ?      ?      ? ?   ? 'X-RAY DIFFRACTION' 
r_symmetry_metal_ion_other   ?      ?      ? ?   ? 'X-RAY DIFFRACTION' 
r_mcbond_it                  ?      ?      ? ?   ? 'X-RAY DIFFRACTION' 
r_mcbond_other               ?      ?      ? ?   ? 'X-RAY DIFFRACTION' 
r_mcangle_it                 ?      ?      ? ?   ? 'X-RAY DIFFRACTION' 
r_mcangle_other              ?      ?      ? ?   ? 'X-RAY DIFFRACTION' 
r_scbond_it                  5.749  8.531  ? 286 ? 'X-RAY DIFFRACTION' 
r_scbond_other               5.723  8.498  ? 284 ? 'X-RAY DIFFRACTION' 
r_scangle_it                 ?      ?      ? ?   ? 'X-RAY DIFFRACTION' 
r_scangle_other              9.262  12.806 ? 439 ? 'X-RAY DIFFRACTION' 
r_long_range_B_refined       12.269 82.365 ? 428 ? 'X-RAY DIFFRACTION' 
r_long_range_B_other         12.255 82.314 ? 429 ? 'X-RAY DIFFRACTION' 
r_rigid_bond_restr           ?      ?      ? ?   ? 'X-RAY DIFFRACTION' 
r_sphericity_free            ?      ?      ? ?   ? 'X-RAY DIFFRACTION' 
r_sphericity_bonded          ?      ?      ? ?   ? 'X-RAY DIFFRACTION' 
# 
_refine_ls_shell.pdbx_total_number_of_bins_used   20 
_refine_ls_shell.d_res_high                       2.373 
_refine_ls_shell.d_res_low                        2.435 
_refine_ls_shell.number_reflns_R_work             128 
_refine_ls_shell.R_factor_R_work                  0.011 
_refine_ls_shell.percent_reflns_obs               95.27 
_refine_ls_shell.R_factor_R_free                  0.894 
_refine_ls_shell.R_factor_R_free_error            ? 
_refine_ls_shell.percent_reflns_R_free            ? 
_refine_ls_shell.number_reflns_R_free             13 
_refine_ls_shell.number_reflns_all                ? 
_refine_ls_shell.R_factor_all                     ? 
_refine_ls_shell.number_reflns_obs                ? 
_refine_ls_shell.redundancy_reflns_obs            ? 
_refine_ls_shell.pdbx_refine_id                   'X-RAY DIFFRACTION' 
# 
_struct.entry_id                  4ROO 
_struct.title                     'Sequence and structure of a self-assembled 3-D DNA crystal: D(GGACCGCGGGGAG)' 
_struct.pdbx_model_details        ? 
_struct.pdbx_CASP_flag            ? 
_struct.pdbx_model_type_details   ? 
# 
_struct_keywords.entry_id        4ROO 
_struct_keywords.pdbx_keywords   DNA 
_struct_keywords.text            'Self-assembling 3D DNA crystal, DNA' 
# 
loop_
_struct_asym.id 
_struct_asym.pdbx_blank_PDB_chainid_flag 
_struct_asym.pdbx_modified 
_struct_asym.entity_id 
_struct_asym.details 
A N N 1 ? 
B N N 2 ? 
# 
_struct_biol.id        1 
_struct_biol.details   ? 
# 
loop_
_struct_conn.id 
_struct_conn.conn_type_id 
_struct_conn.pdbx_leaving_atom_flag 
_struct_conn.pdbx_PDB_id 
_struct_conn.ptnr1_label_asym_id 
_struct_conn.ptnr1_label_comp_id 
_struct_conn.ptnr1_label_seq_id 
_struct_conn.ptnr1_label_atom_id 
_struct_conn.pdbx_ptnr1_label_alt_id 
_struct_conn.pdbx_ptnr1_PDB_ins_code 
_struct_conn.pdbx_ptnr1_standard_comp_id 
_struct_conn.ptnr1_symmetry 
_struct_conn.ptnr2_label_asym_id 
_struct_conn.ptnr2_label_comp_id 
_struct_conn.ptnr2_label_seq_id 
_struct_conn.ptnr2_label_atom_id 
_struct_conn.pdbx_ptnr2_label_alt_id 
_struct_conn.pdbx_ptnr2_PDB_ins_code 
_struct_conn.ptnr1_auth_asym_id 
_struct_conn.ptnr1_auth_comp_id 
_struct_conn.ptnr1_auth_seq_id 
_struct_conn.ptnr2_auth_asym_id 
_struct_conn.ptnr2_auth_comp_id 
_struct_conn.ptnr2_auth_seq_id 
_struct_conn.ptnr2_symmetry 
_struct_conn.pdbx_ptnr3_label_atom_id 
_struct_conn.pdbx_ptnr3_label_seq_id 
_struct_conn.pdbx_ptnr3_label_comp_id 
_struct_conn.pdbx_ptnr3_label_asym_id 
_struct_conn.pdbx_ptnr3_label_alt_id 
_struct_conn.pdbx_ptnr3_PDB_ins_code 
_struct_conn.details 
_struct_conn.pdbx_dist_value 
_struct_conn.pdbx_value_order 
_struct_conn.pdbx_role 
hydrog1  hydrog ? ? A DC 4 N3 ? ? ? 1_555 A DG 9 N1 ? ? A DC 4 A DG 9 4_545 ? ? ? ? ? ? WATSON-CRICK ? ? ? 
hydrog2  hydrog ? ? A DC 4 N4 ? ? ? 1_555 A DG 9 O6 ? ? A DC 4 A DG 9 4_545 ? ? ? ? ? ? WATSON-CRICK ? ? ? 
hydrog3  hydrog ? ? A DC 4 O2 ? ? ? 1_555 A DG 9 N2 ? ? A DC 4 A DG 9 4_545 ? ? ? ? ? ? WATSON-CRICK ? ? ? 
hydrog4  hydrog ? ? A DC 5 N3 ? ? ? 1_555 A DG 8 N1 ? ? A DC 5 A DG 8 4_545 ? ? ? ? ? ? WATSON-CRICK ? ? ? 
hydrog5  hydrog ? ? A DC 5 N4 ? ? ? 1_555 A DG 8 O6 ? ? A DC 5 A DG 8 4_545 ? ? ? ? ? ? WATSON-CRICK ? ? ? 
hydrog6  hydrog ? ? A DC 5 O2 ? ? ? 1_555 A DG 8 N2 ? ? A DC 5 A DG 8 4_545 ? ? ? ? ? ? WATSON-CRICK ? ? ? 
hydrog7  hydrog ? ? A DG 6 N1 ? ? ? 1_555 A DC 7 N3 ? ? A DG 6 A DC 7 4_545 ? ? ? ? ? ? WATSON-CRICK ? ? ? 
hydrog8  hydrog ? ? A DG 6 N2 ? ? ? 1_555 A DC 7 O2 ? ? A DG 6 A DC 7 4_545 ? ? ? ? ? ? WATSON-CRICK ? ? ? 
hydrog9  hydrog ? ? A DG 6 O6 ? ? ? 1_555 A DC 7 N4 ? ? A DG 6 A DC 7 4_545 ? ? ? ? ? ? WATSON-CRICK ? ? ? 
hydrog10 hydrog ? ? A DC 7 N3 ? ? ? 1_555 A DG 6 N1 ? ? A DC 7 A DG 6 4_545 ? ? ? ? ? ? WATSON-CRICK ? ? ? 
hydrog11 hydrog ? ? A DC 7 N4 ? ? ? 1_555 A DG 6 O6 ? ? A DC 7 A DG 6 4_545 ? ? ? ? ? ? WATSON-CRICK ? ? ? 
hydrog12 hydrog ? ? A DC 7 O2 ? ? ? 1_555 A DG 6 N2 ? ? A DC 7 A DG 6 4_545 ? ? ? ? ? ? WATSON-CRICK ? ? ? 
hydrog13 hydrog ? ? A DG 8 N1 ? ? ? 1_555 A DC 5 N3 ? ? A DG 8 A DC 5 4_545 ? ? ? ? ? ? WATSON-CRICK ? ? ? 
hydrog14 hydrog ? ? A DG 8 N2 ? ? ? 1_555 A DC 5 O2 ? ? A DG 8 A DC 5 4_545 ? ? ? ? ? ? WATSON-CRICK ? ? ? 
hydrog15 hydrog ? ? A DG 8 O6 ? ? ? 1_555 A DC 5 N4 ? ? A DG 8 A DC 5 4_545 ? ? ? ? ? ? WATSON-CRICK ? ? ? 
hydrog16 hydrog ? ? A DG 9 N1 ? ? ? 1_555 A DC 4 N3 ? ? A DG 9 A DC 4 4_545 ? ? ? ? ? ? WATSON-CRICK ? ? ? 
hydrog17 hydrog ? ? A DG 9 N2 ? ? ? 1_555 A DC 4 O2 ? ? A DG 9 A DC 4 4_545 ? ? ? ? ? ? WATSON-CRICK ? ? ? 
hydrog18 hydrog ? ? A DG 9 O6 ? ? ? 1_555 A DC 4 N4 ? ? A DG 9 A DC 4 4_545 ? ? ? ? ? ? WATSON-CRICK ? ? ? 
# 
_struct_conn_type.id          hydrog 
_struct_conn_type.criteria    ? 
_struct_conn_type.reference   ? 
# 
_atom_sites.entry_id                    4ROO 
_atom_sites.fract_transf_matrix[1][1]   -0.00195298 
_atom_sites.fract_transf_matrix[1][2]   0.00196512 
_atom_sites.fract_transf_matrix[1][3]   -0.02817308 
_atom_sites.fract_transf_matrix[2][1]   0.01270122 
_atom_sites.fract_transf_matrix[2][2]   -0.01922620 
_atom_sites.fract_transf_matrix[2][3]   -0.01644481 
_atom_sites.fract_transf_matrix[3][1]   -0.01590211 
_atom_sites.fract_transf_matrix[3][2]   -0.01080358 
_atom_sites.fract_transf_matrix[3][3]   0.00034878 
_atom_sites.fract_transf_vector[1]      0.068189 
_atom_sites.fract_transf_vector[2]      -0.416048 
_atom_sites.fract_transf_vector[3]      -0.226264 
# 
loop_
_atom_type.symbol 
C  
MG 
N  
O  
P  
# 
loop_
_atom_site.group_PDB 
_atom_site.id 
_atom_site.type_symbol 
_atom_site.label_atom_id 
_atom_site.label_alt_id 
_atom_site.label_comp_id 
_atom_site.label_asym_id 
_atom_site.label_entity_id 
_atom_site.label_seq_id 
_atom_site.pdbx_PDB_ins_code 
_atom_site.Cartn_x 
_atom_site.Cartn_y 
_atom_site.Cartn_z 
_atom_site.occupancy 
_atom_site.B_iso_or_equiv 
_atom_site.pdbx_formal_charge 
_atom_site.auth_seq_id 
_atom_site.auth_comp_id 
_atom_site.auth_asym_id 
_atom_site.auth_atom_id 
_atom_site.pdbx_PDB_model_num 
ATOM   1   O  "O5'" . DG A 1 1  ? -15.944 -10.572 12.924  1.00 96.29  ? 1   DG A "O5'" 1 
ATOM   2   C  "C5'" . DG A 1 1  ? -15.670 -10.069 14.247  1.00 95.96  ? 1   DG A "C5'" 1 
ATOM   3   C  "C4'" . DG A 1 1  ? -14.578 -9.026  14.190  1.00 90.68  ? 1   DG A "C4'" 1 
ATOM   4   O  "O4'" . DG A 1 1  ? -13.366 -9.621  13.654  1.00 87.28  ? 1   DG A "O4'" 1 
ATOM   5   C  "C3'" . DG A 1 1  ? -14.916 -7.854  13.274  1.00 86.02  ? 1   DG A "C3'" 1 
ATOM   6   O  "O3'" . DG A 1 1  ? -14.465 -6.652  13.897  1.00 84.23  ? 1   DG A "O3'" 1 
ATOM   7   C  "C2'" . DG A 1 1  ? -14.216 -8.224  11.975  1.00 85.52  ? 1   DG A "C2'" 1 
ATOM   8   C  "C1'" . DG A 1 1  ? -12.969 -8.926  12.479  1.00 81.64  ? 1   DG A "C1'" 1 
ATOM   9   N  N9    . DG A 1 1  ? -12.351 -9.888  11.567  1.00 77.81  ? 1   DG A N9    1 
ATOM   10  C  C8    . DG A 1 1  ? -11.086 -9.807  11.036  1.00 78.96  ? 1   DG A C8    1 
ATOM   11  N  N7    . DG A 1 1  ? -10.789 -10.818 10.265  1.00 74.60  ? 1   DG A N7    1 
ATOM   12  C  C5    . DG A 1 1  ? -11.923 -11.617 10.292  1.00 74.18  ? 1   DG A C5    1 
ATOM   13  C  C6    . DG A 1 1  ? -12.199 -12.847 9.636   1.00 76.40  ? 1   DG A C6    1 
ATOM   14  O  O6    . DG A 1 1  ? -11.465 -13.512 8.888   1.00 85.26  ? 1   DG A O6    1 
ATOM   15  N  N1    . DG A 1 1  ? -13.480 -13.300 9.923   1.00 70.80  ? 1   DG A N1    1 
ATOM   16  C  C2    . DG A 1 1  ? -14.373 -12.665 10.744  1.00 73.62  ? 1   DG A C2    1 
ATOM   17  N  N2    . DG A 1 1  ? -15.552 -13.264 10.898  1.00 82.02  ? 1   DG A N2    1 
ATOM   18  N  N3    . DG A 1 1  ? -14.132 -11.522 11.360  1.00 74.14  ? 1   DG A N3    1 
ATOM   19  C  C4    . DG A 1 1  ? -12.898 -11.055 11.087  1.00 76.13  ? 1   DG A C4    1 
ATOM   20  P  P     . DG A 1 2  ? -14.798 -5.213  13.236  1.00 98.87  ? 2   DG A P     1 
ATOM   21  O  OP1   . DG A 1 2  ? -14.290 -4.165  14.172  1.00 96.31  ? 2   DG A OP1   1 
ATOM   22  O  OP2   . DG A 1 2  ? -16.224 -5.208  12.844  1.00 93.93  ? 2   DG A OP2   1 
ATOM   23  O  "O5'" . DG A 1 2  ? -13.935 -5.181  11.881  1.00 94.94  ? 2   DG A "O5'" 1 
ATOM   24  C  "C5'" . DG A 1 2  ? -12.477 -5.235  11.907  1.00 88.06  ? 2   DG A "C5'" 1 
ATOM   25  C  "C4'" . DG A 1 2  ? -11.849 -5.201  10.530  1.00 83.17  ? 2   DG A "C4'" 1 
ATOM   26  O  "O4'" . DG A 1 2  ? -11.809 -6.522  9.918   1.00 79.53  ? 2   DG A "O4'" 1 
ATOM   27  C  "C3'" . DG A 1 2  ? -12.528 -4.287  9.511   1.00 77.91  ? 2   DG A "C3'" 1 
ATOM   28  O  "O3'" . DG A 1 2  ? -11.527 -3.684  8.691   1.00 72.10  ? 2   DG A "O3'" 1 
ATOM   29  C  "C2'" . DG A 1 2  ? -13.350 -5.258  8.689   1.00 76.92  ? 2   DG A "C2'" 1 
ATOM   30  C  "C1'" . DG A 1 2  ? -12.426 -6.466  8.648   1.00 71.97  ? 2   DG A "C1'" 1 
ATOM   31  N  N9    . DG A 1 2  ? -13.129 -7.719  8.429   1.00 66.11  ? 2   DG A N9    1 
ATOM   32  C  C8    . DG A 1 2  ? -14.443 -7.997  8.716   1.00 62.87  ? 2   DG A C8    1 
ATOM   33  N  N7    . DG A 1 2  ? -14.810 -9.186  8.328   1.00 61.31  ? 2   DG A N7    1 
ATOM   34  C  C5    . DG A 1 2  ? -13.676 -9.717  7.736   1.00 58.68  ? 2   DG A C5    1 
ATOM   35  C  C6    . DG A 1 2  ? -13.465 -10.978 7.144   1.00 65.93  ? 2   DG A C6    1 
ATOM   36  O  O6    . DG A 1 2  ? -14.266 -11.911 7.016   1.00 80.42  ? 2   DG A O6    1 
ATOM   37  N  N1    . DG A 1 2  ? -12.172 -11.099 6.643   1.00 66.34  ? 2   DG A N1    1 
ATOM   38  C  C2    . DG A 1 2  ? -11.207 -10.127 6.716   1.00 65.70  ? 2   DG A C2    1 
ATOM   39  N  N2    . DG A 1 2  ? -10.023 -10.430 6.176   1.00 68.47  ? 2   DG A N2    1 
ATOM   40  N  N3    . DG A 1 2  ? -11.384 -8.955  7.301   1.00 61.11  ? 2   DG A N3    1 
ATOM   41  C  C4    . DG A 1 2  ? -12.632 -8.820  7.785   1.00 60.69  ? 2   DG A C4    1 
ATOM   42  P  P     . DA A 1 3  ? -11.326 -2.116  8.719   1.00 73.53  ? 3   DA A P     1 
ATOM   43  O  OP1   . DA A 1 3  ? -11.229 -1.705  10.131  1.00 81.40  ? 3   DA A OP1   1 
ATOM   44  O  OP2   . DA A 1 3  ? -12.361 -1.497  7.846   1.00 77.87  ? 3   DA A OP2   1 
ATOM   45  O  "O5'" . DA A 1 3  ? -9.829  -1.955  8.210   1.00 72.10  ? 3   DA A "O5'" 1 
ATOM   46  C  "C5'" . DA A 1 3  ? -8.795  -2.522  9.024   1.00 72.80  ? 3   DA A "C5'" 1 
ATOM   47  C  "C4'" . DA A 1 3  ? -7.427  -2.418  8.388   1.00 72.41  ? 3   DA A "C4'" 1 
ATOM   48  O  "O4'" . DA A 1 3  ? -7.239  -3.485  7.425   1.00 72.74  ? 3   DA A "O4'" 1 
ATOM   49  C  "C3'" . DA A 1 3  ? -7.127  -1.127  7.638   1.00 71.69  ? 3   DA A "C3'" 1 
ATOM   50  O  "O3'" . DA A 1 3  ? -5.716  -0.793  7.764   1.00 81.72  ? 3   DA A "O3'" 1 
ATOM   51  C  "C2'" . DA A 1 3  ? -7.547  -1.491  6.221   1.00 71.34  ? 3   DA A "C2'" 1 
ATOM   52  C  "C1'" . DA A 1 3  ? -7.161  -2.960  6.108   1.00 66.58  ? 3   DA A "C1'" 1 
ATOM   53  N  N9    . DA A 1 3  ? -7.970  -3.830  5.260   1.00 64.33  ? 3   DA A N9    1 
ATOM   54  C  C8    . DA A 1 3  ? -9.237  -4.300  5.509   1.00 64.15  ? 3   DA A C8    1 
ATOM   55  N  N7    . DA A 1 3  ? -9.664  -5.165  4.617   1.00 61.54  ? 3   DA A N7    1 
ATOM   56  C  C5    . DA A 1 3  ? -8.593  -5.301  3.746   1.00 61.08  ? 3   DA A C5    1 
ATOM   57  C  C6    . DA A 1 3  ? -8.401  -6.096  2.601   1.00 62.65  ? 3   DA A C6    1 
ATOM   58  N  N6    . DA A 1 3  ? -9.329  -6.912  2.108   1.00 65.88  ? 3   DA A N6    1 
ATOM   59  N  N1    . DA A 1 3  ? -7.204  -6.030  1.979   1.00 64.00  ? 3   DA A N1    1 
ATOM   60  C  C2    . DA A 1 3  ? -6.271  -5.205  2.478   1.00 68.56  ? 3   DA A C2    1 
ATOM   61  N  N3    . DA A 1 3  ? -6.331  -4.408  3.553   1.00 65.13  ? 3   DA A N3    1 
ATOM   62  C  C4    . DA A 1 3  ? -7.531  -4.509  4.150   1.00 63.02  ? 3   DA A C4    1 
ATOM   63  P  P     . DC A 1 4  ? -5.128  0.305   8.880   1.00 88.12  ? 4   DC A P     1 
ATOM   64  O  OP1   . DC A 1 4  ? -3.852  0.864   8.345   1.00 90.73  ? 4   DC A OP1   1 
ATOM   65  O  OP2   . DC A 1 4  ? -5.120  -0.338  10.223  1.00 75.75  ? 4   DC A OP2   1 
ATOM   66  O  "O5'" . DC A 1 4  ? -6.150  1.531   8.779   1.00 91.19  ? 4   DC A "O5'" 1 
ATOM   67  C  "C5'" . DC A 1 4  ? -6.692  2.217   9.935   1.00 90.45  ? 4   DC A "C5'" 1 
ATOM   68  C  "C4'" . DC A 1 4  ? -6.767  3.703   9.660   1.00 89.45  ? 4   DC A "C4'" 1 
ATOM   69  O  "O4'" . DC A 1 4  ? -5.673  4.374   10.331  1.00 90.23  ? 4   DC A "O4'" 1 
ATOM   70  C  "C3'" . DC A 1 4  ? -6.625  4.093   8.191   1.00 86.33  ? 4   DC A "C3'" 1 
ATOM   71  O  "O3'" . DC A 1 4  ? -7.325  5.312   7.933   1.00 89.12  ? 4   DC A "O3'" 1 
ATOM   72  C  "C2'" . DC A 1 4  ? -5.124  4.265   8.039   1.00 84.94  ? 4   DC A "C2'" 1 
ATOM   73  C  "C1'" . DC A 1 4  ? -4.732  4.873   9.379   1.00 82.45  ? 4   DC A "C1'" 1 
ATOM   74  N  N1    . DC A 1 4  ? -3.381  4.540   9.871   1.00 75.86  ? 4   DC A N1    1 
ATOM   75  C  C2    . DC A 1 4  ? -2.356  5.497   9.789   1.00 76.43  ? 4   DC A C2    1 
ATOM   76  O  O2    . DC A 1 4  ? -2.596  6.596   9.266   1.00 76.45  ? 4   DC A O2    1 
ATOM   77  N  N3    . DC A 1 4  ? -1.127  5.190   10.272  1.00 71.45  ? 4   DC A N3    1 
ATOM   78  C  C4    . DC A 1 4  ? -0.913  4.000   10.842  1.00 72.24  ? 4   DC A C4    1 
ATOM   79  N  N4    . DC A 1 4  ? 0.310   3.736   11.301  1.00 76.36  ? 4   DC A N4    1 
ATOM   80  C  C5    . DC A 1 4  ? -1.940  3.019   10.953  1.00 71.00  ? 4   DC A C5    1 
ATOM   81  C  C6    . DC A 1 4  ? -3.149  3.331   10.466  1.00 74.66  ? 4   DC A C6    1 
ATOM   82  P  P     . DC A 1 5  ? -7.867  5.623   6.455   1.00 107.54 ? 5   DC A P     1 
ATOM   83  O  OP1   . DC A 1 5  ? -9.339  5.385   6.458   1.00 104.35 ? 5   DC A OP1   1 
ATOM   84  O  OP2   . DC A 1 5  ? -6.979  4.945   5.456   1.00 113.70 ? 5   DC A OP2   1 
ATOM   85  O  "O5'" . DC A 1 5  ? -7.448  7.134   6.207   1.00 104.86 ? 5   DC A "O5'" 1 
ATOM   86  C  "C5'" . DC A 1 5  ? -6.103  7.546   6.498   1.00 110.46 ? 5   DC A "C5'" 1 
ATOM   87  C  "C4'" . DC A 1 5  ? -5.527  8.392   5.388   1.00 112.83 ? 5   DC A "C4'" 1 
ATOM   88  O  "O4'" . DC A 1 5  ? -4.088  8.283   5.442   1.00 110.03 ? 5   DC A "O4'" 1 
ATOM   89  C  "C3'" . DC A 1 5  ? -5.875  7.963   3.969   1.00 117.28 ? 5   DC A "C3'" 1 
ATOM   90  O  "O3'" . DC A 1 5  ? -5.571  9.123   3.172   1.00 123.08 ? 5   DC A "O3'" 1 
ATOM   91  C  "C2'" . DC A 1 5  ? -4.919  6.799   3.773   1.00 112.61 ? 5   DC A "C2'" 1 
ATOM   92  C  "C1'" . DC A 1 5  ? -3.657  7.321   4.475   1.00 107.11 ? 5   DC A "C1'" 1 
ATOM   93  N  N1    . DC A 1 5  ? -2.802  6.341   5.171   1.00 93.52  ? 5   DC A N1    1 
ATOM   94  C  C2    . DC A 1 5  ? -1.549  6.772   5.632   1.00 90.51  ? 5   DC A C2    1 
ATOM   95  O  O2    . DC A 1 5  ? -1.209  7.955   5.428   1.00 87.88  ? 5   DC A O2    1 
ATOM   96  N  N3    . DC A 1 5  ? -0.745  5.896   6.282   1.00 78.95  ? 5   DC A N3    1 
ATOM   97  C  C4    . DC A 1 5  ? -1.155  4.641   6.483   1.00 85.00  ? 5   DC A C4    1 
ATOM   98  N  N4    . DC A 1 5  ? -0.333  3.808   7.125   1.00 87.50  ? 5   DC A N4    1 
ATOM   99  C  C5    . DC A 1 5  ? -2.429  4.178   6.029   1.00 81.75  ? 5   DC A C5    1 
ATOM   100 C  C6    . DC A 1 5  ? -3.208  5.051   5.379   1.00 87.09  ? 5   DC A C6    1 
ATOM   101 P  P     . DG A 1 6  ? -5.754  9.129   1.578   1.00 118.58 ? 6   DG A P     1 
ATOM   102 O  OP1   . DG A 1 6  ? -6.570  10.328  1.233   1.00 128.34 ? 6   DG A OP1   1 
ATOM   103 O  OP2   . DG A 1 6  ? -6.255  7.783   1.184   1.00 119.45 ? 6   DG A OP2   1 
ATOM   104 O  "O5'" . DG A 1 6  ? -4.280  9.461   1.046   1.00 107.47 ? 6   DG A "O5'" 1 
ATOM   105 C  "C5'" . DG A 1 6  ? -3.762  10.811  1.172   1.00 106.93 ? 6   DG A "C5'" 1 
ATOM   106 C  "C4'" . DG A 1 6  ? -2.269  10.877  0.946   1.00 106.35 ? 6   DG A "C4'" 1 
ATOM   107 O  "O4'" . DG A 1 6  ? -1.584  9.892   1.760   1.00 100.85 ? 6   DG A "O4'" 1 
ATOM   108 C  "C3'" . DG A 1 6  ? -1.853  10.582  -0.492  1.00 108.14 ? 6   DG A "C3'" 1 
ATOM   109 O  "O3'" . DG A 1 6  ? -0.664  11.283  -0.862  1.00 114.63 ? 6   DG A "O3'" 1 
ATOM   110 C  "C2'" . DG A 1 6  ? -1.586  9.095   -0.457  1.00 106.03 ? 6   DG A "C2'" 1 
ATOM   111 C  "C1'" . DG A 1 6  ? -0.953  8.935   0.916   1.00 98.09  ? 6   DG A "C1'" 1 
ATOM   112 N  N9    . DG A 1 6  ? -1.168  7.608   1.482   1.00 85.47  ? 6   DG A N9    1 
ATOM   113 C  C8    . DG A 1 6  ? -2.325  6.864   1.431   1.00 81.28  ? 6   DG A C8    1 
ATOM   114 N  N7    . DG A 1 6  ? -2.206  5.692   1.998   1.00 78.47  ? 6   DG A N7    1 
ATOM   115 C  C5    . DG A 1 6  ? -0.885  5.652   2.428   1.00 77.32  ? 6   DG A C5    1 
ATOM   116 C  C6    . DG A 1 6  ? -0.166  4.626   3.108   1.00 77.77  ? 6   DG A C6    1 
ATOM   117 O  O6    . DG A 1 6  ? -0.564  3.506   3.466   1.00 78.45  ? 6   DG A O6    1 
ATOM   118 N  N1    . DG A 1 6  ? 1.151   5.002   3.354   1.00 68.81  ? 6   DG A N1    1 
ATOM   119 C  C2    . DG A 1 6  ? 1.706   6.204   3.001   1.00 68.59  ? 6   DG A C2    1 
ATOM   120 N  N2    . DG A 1 6  ? 2.992   6.369   3.327   1.00 70.03  ? 6   DG A N2    1 
ATOM   121 N  N3    . DG A 1 6  ? 1.054   7.165   2.360   1.00 71.49  ? 6   DG A N3    1 
ATOM   122 C  C4    . DG A 1 6  ? -0.227  6.822   2.106   1.00 77.60  ? 6   DG A C4    1 
ATOM   123 P  P     . DC A 1 7  ? -0.209  11.310  -2.407  1.00 131.71 ? 7   DC A P     1 
ATOM   124 O  OP1   . DC A 1 7  ? -0.650  12.598  -3.016  1.00 139.22 ? 7   DC A OP1   1 
ATOM   125 O  OP2   . DC A 1 7  ? -0.602  10.016  -3.040  1.00 126.29 ? 7   DC A OP2   1 
ATOM   126 O  "O5'" . DC A 1 7  ? 1.370   11.455  -2.323  1.00 123.02 ? 7   DC A "O5'" 1 
ATOM   127 C  "C5'" . DC A 1 7  ? 2.040   11.693  -1.077  1.00 119.85 ? 7   DC A "C5'" 1 
ATOM   128 C  "C4'" . DC A 1 7  ? 3.250   10.795  -1.018  1.00 116.59 ? 7   DC A "C4'" 1 
ATOM   129 O  "O4'" . DC A 1 7  ? 2.880   9.536   -0.399  1.00 113.39 ? 7   DC A "O4'" 1 
ATOM   130 C  "C3'" . DC A 1 7  ? 3.823   10.448  -2.400  1.00 111.89 ? 7   DC A "C3'" 1 
ATOM   131 O  "O3'" . DC A 1 7  ? 5.224   10.761  -2.423  1.00 116.16 ? 7   DC A "O3'" 1 
ATOM   132 C  "C2'" . DC A 1 7  ? 3.438   8.991   -2.588  1.00 107.68 ? 7   DC A "C2'" 1 
ATOM   133 C  "C1'" . DC A 1 7  ? 3.439   8.478   -1.158  1.00 104.78 ? 7   DC A "C1'" 1 
ATOM   134 N  N1    . DC A 1 7  ? 2.630   7.266   -0.921  1.00 90.06  ? 7   DC A N1    1 
ATOM   135 C  C2    . DC A 1 7  ? 3.210   6.165   -0.266  1.00 83.94  ? 7   DC A C2    1 
ATOM   136 O  O2    . DC A 1 7  ? 4.391   6.243   0.111   1.00 75.77  ? 7   DC A O2    1 
ATOM   137 N  N3    . DC A 1 7  ? 2.462   5.055   -0.051  1.00 79.05  ? 7   DC A N3    1 
ATOM   138 C  C4    . DC A 1 7  ? 1.193   5.013   -0.474  1.00 85.37  ? 7   DC A C4    1 
ATOM   139 N  N4    . DC A 1 7  ? 0.486   3.900   -0.241  1.00 83.51  ? 7   DC A N4    1 
ATOM   140 C  C5    . DC A 1 7  ? 0.582   6.118   -1.137  1.00 84.37  ? 7   DC A C5    1 
ATOM   141 C  C6    . DC A 1 7  ? 1.330   7.213   -1.338  1.00 86.71  ? 7   DC A C6    1 
ATOM   142 P  P     . DG A 1 8  ? 6.220   9.993   -3.408  1.00 124.04 ? 8   DG A P     1 
ATOM   143 O  OP1   . DG A 1 8  ? 7.536   10.712  -3.433  1.00 121.50 ? 8   DG A OP1   1 
ATOM   144 O  OP2   . DG A 1 8  ? 5.492   9.760   -4.686  1.00 122.87 ? 8   DG A OP2   1 
ATOM   145 O  "O5'" . DG A 1 8  ? 6.469   8.641   -2.608  1.00 118.56 ? 8   DG A "O5'" 1 
ATOM   146 C  "C5'" . DG A 1 8  ? 7.366   8.589   -1.482  1.00 122.69 ? 8   DG A "C5'" 1 
ATOM   147 C  "C4'" . DG A 1 8  ? 8.422   7.548   -1.763  1.00 122.01 ? 8   DG A "C4'" 1 
ATOM   148 O  "O4'" . DG A 1 8  ? 7.780   6.266   -1.958  1.00 123.05 ? 8   DG A "O4'" 1 
ATOM   149 C  "C3'" . DG A 1 8  ? 9.194   7.775   -3.052  1.00 115.90 ? 8   DG A "C3'" 1 
ATOM   150 O  "O3'" . DG A 1 8  ? 10.365  6.981   -2.939  1.00 123.04 ? 8   DG A "O3'" 1 
ATOM   151 C  "C2'" . DG A 1 8  ? 8.288   7.158   -4.100  1.00 107.51 ? 8   DG A "C2'" 1 
ATOM   152 C  "C1'" . DG A 1 8  ? 7.673   5.972   -3.355  1.00 106.21 ? 8   DG A "C1'" 1 
ATOM   153 N  N9    . DG A 1 8  ? 6.266   5.715   -3.657  1.00 92.05  ? 8   DG A N9    1 
ATOM   154 C  C8    . DG A 1 8  ? 5.435   6.493   -4.429  1.00 92.17  ? 8   DG A C8    1 
ATOM   155 N  N7    . DG A 1 8  ? 4.221   6.018   -4.517  1.00 87.12  ? 8   DG A N7    1 
ATOM   156 C  C5    . DG A 1 8  ? 4.250   4.857   -3.757  1.00 80.25  ? 8   DG A C5    1 
ATOM   157 C  C6    . DG A 1 8  ? 3.227   3.909   -3.497  1.00 77.79  ? 8   DG A C6    1 
ATOM   158 O  O6    . DG A 1 8  ? 2.053   3.913   -3.897  1.00 74.87  ? 8   DG A O6    1 
ATOM   159 N  N1    . DG A 1 8  ? 3.686   2.869   -2.691  1.00 71.43  ? 8   DG A N1    1 
ATOM   160 C  C2    . DG A 1 8  ? 4.967   2.755   -2.202  1.00 78.57  ? 8   DG A C2    1 
ATOM   161 N  N2    . DG A 1 8  ? 5.213   1.677   -1.440  1.00 75.60  ? 8   DG A N2    1 
ATOM   162 N  N3    . DG A 1 8  ? 5.936   3.629   -2.449  1.00 78.44  ? 8   DG A N3    1 
ATOM   163 C  C4    . DG A 1 8  ? 5.508   4.649   -3.227  1.00 83.66  ? 8   DG A C4    1 
ATOM   164 P  P     . DG A 1 9  ? 11.336  6.860   -4.169  1.00 128.20 ? 9   DG A P     1 
ATOM   165 O  OP1   . DG A 1 9  ? 12.582  7.625   -3.846  1.00 130.28 ? 9   DG A OP1   1 
ATOM   166 O  OP2   . DG A 1 9  ? 10.548  7.158   -5.396  1.00 124.34 ? 9   DG A OP2   1 
ATOM   167 O  "O5'" . DG A 1 9  ? 11.721  5.319   -4.200  1.00 111.04 ? 9   DG A "O5'" 1 
ATOM   168 C  "C5'" . DG A 1 9  ? 12.091  4.617   -3.013  1.00 103.05 ? 9   DG A "C5'" 1 
ATOM   169 C  "C4'" . DG A 1 9  ? 11.527  3.226   -3.127  1.00 100.29 ? 9   DG A "C4'" 1 
ATOM   170 O  "O4'" . DG A 1 9  ? 10.128  3.334   -3.460  1.00 95.58  ? 9   DG A "O4'" 1 
ATOM   171 C  "C3'" . DG A 1 9  ? 12.159  2.412   -4.261  1.00 102.23 ? 9   DG A "C3'" 1 
ATOM   172 O  "O3'" . DG A 1 9  ? 13.001  1.383   -3.730  1.00 106.88 ? 9   DG A "O3'" 1 
ATOM   173 C  "C2'" . DG A 1 9  ? 10.976  1.873   -5.060  1.00 98.70  ? 9   DG A "C2'" 1 
ATOM   174 C  "C1'" . DG A 1 9  ? 9.778   2.168   -4.182  1.00 89.47  ? 9   DG A "C1'" 1 
ATOM   175 N  N9    . DG A 1 9  ? 8.511   2.420   -4.862  1.00 73.28  ? 9   DG A N9    1 
ATOM   176 C  C8    . DG A 1 9  ? 8.160   3.513   -5.618  1.00 74.13  ? 9   DG A C8    1 
ATOM   177 N  N7    . DG A 1 9  ? 6.932   3.462   -6.057  1.00 67.19  ? 9   DG A N7    1 
ATOM   178 C  C5    . DG A 1 9  ? 6.435   2.275   -5.539  1.00 65.31  ? 9   DG A C5    1 
ATOM   179 C  C6    . DG A 1 9  ? 5.151   1.679   -5.672  1.00 66.89  ? 9   DG A C6    1 
ATOM   180 O  O6    . DG A 1 9  ? 4.163   2.104   -6.293  1.00 62.41  ? 9   DG A O6    1 
ATOM   181 N  N1    . DG A 1 9  ? 5.074   0.470   -4.981  1.00 65.43  ? 9   DG A N1    1 
ATOM   182 C  C2    . DG A 1 9  ? 6.110   -0.107  -4.280  1.00 67.66  ? 9   DG A C2    1 
ATOM   183 N  N2    . DG A 1 9  ? 5.850   -1.283  -3.699  1.00 67.73  ? 9   DG A N2    1 
ATOM   184 N  N3    . DG A 1 9  ? 7.307   0.443   -4.142  1.00 67.61  ? 9   DG A N3    1 
ATOM   185 C  C4    . DG A 1 9  ? 7.398   1.624   -4.793  1.00 68.59  ? 9   DG A C4    1 
ATOM   186 P  P     . DG A 1 10 ? 13.914  0.527   -4.721  1.00 116.32 ? 10  DG A P     1 
ATOM   187 O  OP1   . DG A 1 10 ? 15.025  -0.105  -3.931  1.00 116.58 ? 10  DG A OP1   1 
ATOM   188 O  OP2   . DG A 1 10 ? 14.241  1.396   -5.900  1.00 113.46 ? 10  DG A OP2   1 
ATOM   189 O  "O5'" . DG A 1 10 ? 12.922  -0.648  -5.144  1.00 105.80 ? 10  DG A "O5'" 1 
ATOM   190 C  "C5'" . DG A 1 10 ? 12.364  -1.513  -4.143  1.00 99.80  ? 10  DG A "C5'" 1 
ATOM   191 C  "C4'" . DG A 1 10 ? 11.583  -2.639  -4.779  1.00 97.22  ? 10  DG A "C4'" 1 
ATOM   192 O  "O4'" . DG A 1 10 ? 10.325  -2.112  -5.257  1.00 92.59  ? 10  DG A "O4'" 1 
ATOM   193 C  "C3'" . DG A 1 10 ? 12.237  -3.307  -5.991  1.00 92.40  ? 10  DG A "C3'" 1 
ATOM   194 O  "O3'" . DG A 1 10 ? 11.783  -4.667  -6.116  1.00 97.75  ? 10  DG A "O3'" 1 
ATOM   195 C  "C2'" . DG A 1 10 ? 11.671  -2.505  -7.142  1.00 84.94  ? 10  DG A "C2'" 1 
ATOM   196 C  "C1'" . DG A 1 10 ? 10.250  -2.306  -6.657  1.00 80.21  ? 10  DG A "C1'" 1 
ATOM   197 N  N9    . DG A 1 10 ? 9.548   -1.169  -7.226  1.00 73.25  ? 10  DG A N9    1 
ATOM   198 C  C8    . DG A 1 10 ? 10.051  0.023   -7.695  1.00 73.40  ? 10  DG A C8    1 
ATOM   199 N  N7    . DG A 1 10 ? 9.128   0.811   -8.180  1.00 71.75  ? 10  DG A N7    1 
ATOM   200 C  C5    . DG A 1 10 ? 7.949   0.092   -8.022  1.00 68.34  ? 10  DG A C5    1 
ATOM   201 C  C6    . DG A 1 10 ? 6.609   0.432   -8.356  1.00 69.80  ? 10  DG A C6    1 
ATOM   202 O  O6    . DG A 1 10 ? 6.182   1.462   -8.906  1.00 73.65  ? 10  DG A O6    1 
ATOM   203 N  N1    . DG A 1 10 ? 5.727   -0.581  -7.999  1.00 63.49  ? 10  DG A N1    1 
ATOM   204 C  C2    . DG A 1 10 ? 6.086   -1.775  -7.420  1.00 68.67  ? 10  DG A C2    1 
ATOM   205 N  N2    . DG A 1 10 ? 5.092   -2.639  -7.169  1.00 75.67  ? 10  DG A N2    1 
ATOM   206 N  N3    . DG A 1 10 ? 7.325   -2.099  -7.101  1.00 62.64  ? 10  DG A N3    1 
ATOM   207 C  C4    . DG A 1 10 ? 8.197   -1.129  -7.430  1.00 65.92  ? 10  DG A C4    1 
ATOM   208 P  P     . DG A 1 11 ? 12.599  -5.750  -7.006  1.00 103.23 ? 11  DG A P     1 
ATOM   209 O  OP1   . DG A 1 11 ? 12.707  -7.010  -6.207  1.00 101.42 ? 11  DG A OP1   1 
ATOM   210 O  OP2   . DG A 1 11 ? 13.817  -5.085  -7.595  1.00 98.32  ? 11  DG A OP2   1 
ATOM   211 O  "O5'" . DG A 1 11 ? 11.580  -6.102  -8.171  1.00 86.48  ? 11  DG A "O5'" 1 
ATOM   212 C  "C5'" . DG A 1 11 ? 10.330  -6.711  -7.835  1.00 84.79  ? 11  DG A "C5'" 1 
ATOM   213 C  "C4'" . DG A 1 11 ? 9.301   -6.336  -8.875  1.00 79.81  ? 11  DG A "C4'" 1 
ATOM   214 O  "O4'" . DG A 1 11 ? 9.371   -4.908  -9.130  1.00 72.43  ? 11  DG A "O4'" 1 
ATOM   215 C  "C3'" . DG A 1 11 ? 9.538   -7.012  -10.221 1.00 75.59  ? 11  DG A "C3'" 1 
ATOM   216 O  "O3'" . DG A 1 11 ? 8.302   -7.412  -10.811 1.00 75.96  ? 11  DG A "O3'" 1 
ATOM   217 C  "C2'" . DG A 1 11 ? 10.227  -5.924  -11.023 1.00 73.41  ? 11  DG A "C2'" 1 
ATOM   218 C  "C1'" . DG A 1 11 ? 9.529   -4.685  -10.512 1.00 64.00  ? 11  DG A "C1'" 1 
ATOM   219 N  N9    . DG A 1 11 ? 10.262  -3.438  -10.676 1.00 57.44  ? 11  DG A N9    1 
ATOM   220 C  C8    . DG A 1 11 ? 11.621  -3.244  -10.610 1.00 55.08  ? 11  DG A C8    1 
ATOM   221 N  N7    . DG A 1 11 ? 11.968  -1.996  -10.782 1.00 54.42  ? 11  DG A N7    1 
ATOM   222 C  C5    . DG A 1 11 ? 10.762  -1.321  -10.931 1.00 57.03  ? 11  DG A C5    1 
ATOM   223 C  C6    . DG A 1 11 ? 10.498  0.059   -11.144 1.00 60.17  ? 11  DG A C6    1 
ATOM   224 O  O6    . DG A 1 11 ? 11.303  0.987   -11.248 1.00 66.62  ? 11  DG A O6    1 
ATOM   225 N  N1    . DG A 1 11 ? 9.135   0.306   -11.293 1.00 60.06  ? 11  DG A N1    1 
ATOM   226 C  C2    . DG A 1 11 ? 8.147   -0.647  -11.216 1.00 59.78  ? 11  DG A C2    1 
ATOM   227 N  N2    . DG A 1 11 ? 6.883   -0.209  -11.366 1.00 61.02  ? 11  DG A N2    1 
ATOM   228 N  N3    . DG A 1 11 ? 8.377   -1.931  -10.979 1.00 60.25  ? 11  DG A N3    1 
ATOM   229 C  C4    . DG A 1 11 ? 9.700   -2.198  -10.874 1.00 58.14  ? 11  DG A C4    1 
ATOM   230 P  P     . DA A 1 12 ? 8.300   -8.596  -11.860 1.00 81.22  ? 12  DA A P     1 
ATOM   231 O  OP1   . DA A 1 12 ? 9.023   -9.744  -11.253 1.00 82.65  ? 12  DA A OP1   1 
ATOM   232 O  OP2   . DA A 1 12 ? 8.749   -8.078  -13.183 1.00 81.25  ? 12  DA A OP2   1 
ATOM   233 O  "O5'" . DA A 1 12 ? 6.748   -8.858  -12.027 1.00 80.33  ? 12  DA A "O5'" 1 
ATOM   234 C  "C5'" . DA A 1 12 ? 5.975   -9.326  -10.924 1.00 87.39  ? 12  DA A "C5'" 1 
ATOM   235 C  "C4'" . DA A 1 12 ? 4.595   -8.741  -11.060 1.00 93.34  ? 12  DA A "C4'" 1 
ATOM   236 O  "O4'" . DA A 1 12 ? 4.767   -7.340  -11.350 1.00 92.96  ? 12  DA A "O4'" 1 
ATOM   237 C  "C3'" . DA A 1 12 ? 3.790   -9.318  -12.230 1.00 102.51 ? 12  DA A "C3'" 1 
ATOM   238 O  "O3'" . DA A 1 12 ? 2.448   -9.627  -11.825 1.00 114.18 ? 12  DA A "O3'" 1 
ATOM   239 C  "C2'" . DA A 1 12 ? 3.888   -8.250  -13.310 1.00 92.99  ? 12  DA A "C2'" 1 
ATOM   240 C  "C1'" . DA A 1 12 ? 3.990   -7.002  -12.479 1.00 84.27  ? 12  DA A "C1'" 1 
ATOM   241 N  N9    . DA A 1 12 ? 4.615   -5.855  -13.103 1.00 73.20  ? 12  DA A N9    1 
ATOM   242 C  C8    . DA A 1 12 ? 5.883   -5.357  -12.944 1.00 67.14  ? 12  DA A C8    1 
ATOM   243 N  N7    . DA A 1 12 ? 6.096   -4.246  -13.607 1.00 62.69  ? 12  DA A N7    1 
ATOM   244 C  C5    . DA A 1 12 ? 4.870   -3.972  -14.198 1.00 58.71  ? 12  DA A C5    1 
ATOM   245 C  C6    . DA A 1 12 ? 4.430   -2.921  -15.002 1.00 57.18  ? 12  DA A C6    1 
ATOM   246 N  N6    . DA A 1 12 ? 5.203   -1.910  -15.374 1.00 60.89  ? 12  DA A N6    1 
ATOM   247 N  N1    . DA A 1 12 ? 3.148   -2.939  -15.418 1.00 61.30  ? 12  DA A N1    1 
ATOM   248 C  C2    . DA A 1 12 ? 2.374   -3.963  -15.052 1.00 65.11  ? 12  DA A C2    1 
ATOM   249 N  N3    . DA A 1 12 ? 2.674   -5.014  -14.295 1.00 67.91  ? 12  DA A N3    1 
ATOM   250 C  C4    . DA A 1 12 ? 3.948   -4.947  -13.882 1.00 66.46  ? 12  DA A C4    1 
ATOM   251 P  P     . DG A 1 13 ? 1.962   -11.159 -11.764 1.00 111.07 ? 13  DG A P     1 
ATOM   252 O  OP1   . DG A 1 13 ? 0.493   -11.128 -11.542 1.00 111.15 ? 13  DG A OP1   1 
ATOM   253 O  OP2   . DG A 1 13 ? 2.854   -11.900 -10.806 1.00 103.61 ? 13  DG A OP2   1 
ATOM   254 O  "O5'" . DG A 1 13 ? 2.247   -11.687 -13.243 1.00 101.32 ? 13  DG A "O5'" 1 
HETATM 255 MG MG    . MG B 2 .  ? -15.634 -0.132  9.428   1.00 82.02  ? 101 MG A MG    1 
# 
loop_
_pdbx_poly_seq_scheme.asym_id 
_pdbx_poly_seq_scheme.entity_id 
_pdbx_poly_seq_scheme.seq_id 
_pdbx_poly_seq_scheme.mon_id 
_pdbx_poly_seq_scheme.ndb_seq_num 
_pdbx_poly_seq_scheme.pdb_seq_num 
_pdbx_poly_seq_scheme.auth_seq_num 
_pdbx_poly_seq_scheme.pdb_mon_id 
_pdbx_poly_seq_scheme.auth_mon_id 
_pdbx_poly_seq_scheme.pdb_strand_id 
_pdbx_poly_seq_scheme.pdb_ins_code 
_pdbx_poly_seq_scheme.hetero 
A 1 1  DG 1  1  1  DG DG A . n 
A 1 2  DG 2  2  2  DG DG A . n 
A 1 3  DA 3  3  3  DA DA A . n 
A 1 4  DC 4  4  4  DC DC A . n 
A 1 5  DC 5  5  5  DC DC A . n 
A 1 6  DG 6  6  6  DG DG A . n 
A 1 7  DC 7  7  7  DC DC A . n 
A 1 8  DG 8  8  8  DG DG A . n 
A 1 9  DG 9  9  9  DG DG A . n 
A 1 10 DG 10 10 10 DG DG A . n 
A 1 11 DG 11 11 11 DG DG A . n 
A 1 12 DA 12 12 12 DA DA A . n 
A 1 13 DG 13 13 13 DG DG A . n 
# 
_pdbx_nonpoly_scheme.asym_id         B 
_pdbx_nonpoly_scheme.entity_id       2 
_pdbx_nonpoly_scheme.mon_id          MG 
_pdbx_nonpoly_scheme.ndb_seq_num     1 
_pdbx_nonpoly_scheme.pdb_seq_num     101 
_pdbx_nonpoly_scheme.auth_seq_num    1 
_pdbx_nonpoly_scheme.pdb_mon_id      MG 
_pdbx_nonpoly_scheme.auth_mon_id     MG 
_pdbx_nonpoly_scheme.pdb_strand_id   A 
_pdbx_nonpoly_scheme.pdb_ins_code    . 
# 
_pdbx_struct_assembly.id                   1 
_pdbx_struct_assembly.details              author_defined_assembly 
_pdbx_struct_assembly.method_details       ? 
_pdbx_struct_assembly.oligomeric_details   dimeric 
_pdbx_struct_assembly.oligomeric_count     2 
# 
_pdbx_struct_assembly_gen.assembly_id       1 
_pdbx_struct_assembly_gen.oper_expression   1,2 
_pdbx_struct_assembly_gen.asym_id_list      A,B 
# 
loop_
_pdbx_struct_oper_list.id 
_pdbx_struct_oper_list.type 
_pdbx_struct_oper_list.name 
_pdbx_struct_oper_list.symmetry_operation 
_pdbx_struct_oper_list.matrix[1][1] 
_pdbx_struct_oper_list.matrix[1][2] 
_pdbx_struct_oper_list.matrix[1][3] 
_pdbx_struct_oper_list.vector[1] 
_pdbx_struct_oper_list.matrix[2][1] 
_pdbx_struct_oper_list.matrix[2][2] 
_pdbx_struct_oper_list.matrix[2][3] 
_pdbx_struct_oper_list.vector[2] 
_pdbx_struct_oper_list.matrix[3][1] 
_pdbx_struct_oper_list.matrix[3][2] 
_pdbx_struct_oper_list.matrix[3][3] 
_pdbx_struct_oper_list.vector[3] 
1 'identity operation'         1_555 x,y,z     1.0000000000 0.0000000000 0.0000000000  0.0000000000  0.0000000000 1.0000000000  0.0000000000  0.0000000000 0.0000000000  0.0000000000  1.0000000000  0.0000000000 
2 'crystal symmetry operation' 4_545 -x,-y-1,z 0.3679528696 0.9293602588 -0.0300032517 -1.9363687128 0.9293602588 -0.3686109296 -0.0203836187 3.0176309267 -0.0300032517 -0.0203836187 -0.9993419400 5.1862752574 
# 
loop_
_pdbx_audit_revision_history.ordinal 
_pdbx_audit_revision_history.data_content_type 
_pdbx_audit_revision_history.major_revision 
_pdbx_audit_revision_history.minor_revision 
_pdbx_audit_revision_history.revision_date 
1 'Structure model' 1 0 2015-06-17 
2 'Structure model' 1 1 2015-09-09 
3 'Structure model' 1 2 2023-09-20 
# 
_pdbx_audit_revision_details.ordinal             1 
_pdbx_audit_revision_details.revision_ordinal    1 
_pdbx_audit_revision_details.data_content_type   'Structure model' 
_pdbx_audit_revision_details.provider            repository 
_pdbx_audit_revision_details.type                'Initial release' 
_pdbx_audit_revision_details.description         ? 
_pdbx_audit_revision_details.details             ? 
# 
loop_
_pdbx_audit_revision_group.ordinal 
_pdbx_audit_revision_group.revision_ordinal 
_pdbx_audit_revision_group.data_content_type 
_pdbx_audit_revision_group.group 
1 2 'Structure model' 'Database references'    
2 3 'Structure model' 'Data collection'        
3 3 'Structure model' 'Database references'    
4 3 'Structure model' 'Refinement description' 
# 
loop_
_pdbx_audit_revision_category.ordinal 
_pdbx_audit_revision_category.revision_ordinal 
_pdbx_audit_revision_category.data_content_type 
_pdbx_audit_revision_category.category 
1 3 'Structure model' chem_comp_atom                
2 3 'Structure model' chem_comp_bond                
3 3 'Structure model' database_2                    
4 3 'Structure model' pdbx_initial_refinement_model 
# 
loop_
_pdbx_audit_revision_item.ordinal 
_pdbx_audit_revision_item.revision_ordinal 
_pdbx_audit_revision_item.data_content_type 
_pdbx_audit_revision_item.item 
1 3 'Structure model' '_database_2.pdbx_DOI'                
2 3 'Structure model' '_database_2.pdbx_database_accession' 
# 
_software.name             REFMAC 
_software.classification   refinement 
_software.version          5.8.0073 
_software.citation_id      ? 
_software.pdbx_ordinal     1 
# 
_pdbx_validate_rmsd_angle.id                         1 
_pdbx_validate_rmsd_angle.PDB_model_num              1 
_pdbx_validate_rmsd_angle.auth_atom_id_1             "O5'" 
_pdbx_validate_rmsd_angle.auth_asym_id_1             A 
_pdbx_validate_rmsd_angle.auth_comp_id_1             DC 
_pdbx_validate_rmsd_angle.auth_seq_id_1              5 
_pdbx_validate_rmsd_angle.PDB_ins_code_1             ? 
_pdbx_validate_rmsd_angle.label_alt_id_1             ? 
_pdbx_validate_rmsd_angle.auth_atom_id_2             P 
_pdbx_validate_rmsd_angle.auth_asym_id_2             A 
_pdbx_validate_rmsd_angle.auth_comp_id_2             DC 
_pdbx_validate_rmsd_angle.auth_seq_id_2              5 
_pdbx_validate_rmsd_angle.PDB_ins_code_2             ? 
_pdbx_validate_rmsd_angle.label_alt_id_2             ? 
_pdbx_validate_rmsd_angle.auth_atom_id_3             OP2 
_pdbx_validate_rmsd_angle.auth_asym_id_3             A 
_pdbx_validate_rmsd_angle.auth_comp_id_3             DC 
_pdbx_validate_rmsd_angle.auth_seq_id_3              5 
_pdbx_validate_rmsd_angle.PDB_ins_code_3             ? 
_pdbx_validate_rmsd_angle.label_alt_id_3             ? 
_pdbx_validate_rmsd_angle.angle_value                99.73 
_pdbx_validate_rmsd_angle.angle_target_value         105.70 
_pdbx_validate_rmsd_angle.angle_deviation            -5.97 
_pdbx_validate_rmsd_angle.angle_standard_deviation   0.90 
_pdbx_validate_rmsd_angle.linker_flag                N 
# 
loop_
_pdbx_unobs_or_zero_occ_atoms.id 
_pdbx_unobs_or_zero_occ_atoms.PDB_model_num 
_pdbx_unobs_or_zero_occ_atoms.polymer_flag 
_pdbx_unobs_or_zero_occ_atoms.occupancy_flag 
_pdbx_unobs_or_zero_occ_atoms.auth_asym_id 
_pdbx_unobs_or_zero_occ_atoms.auth_comp_id 
_pdbx_unobs_or_zero_occ_atoms.auth_seq_id 
_pdbx_unobs_or_zero_occ_atoms.PDB_ins_code 
_pdbx_unobs_or_zero_occ_atoms.auth_atom_id 
_pdbx_unobs_or_zero_occ_atoms.label_alt_id 
_pdbx_unobs_or_zero_occ_atoms.label_asym_id 
_pdbx_unobs_or_zero_occ_atoms.label_comp_id 
_pdbx_unobs_or_zero_occ_atoms.label_seq_id 
_pdbx_unobs_or_zero_occ_atoms.label_atom_id 
1  1 Y 1 A DG 13 ? "C5'" ? A DG 13 "C5'" 
2  1 Y 1 A DG 13 ? "C4'" ? A DG 13 "C4'" 
3  1 Y 1 A DG 13 ? "O4'" ? A DG 13 "O4'" 
4  1 Y 1 A DG 13 ? "C3'" ? A DG 13 "C3'" 
5  1 Y 1 A DG 13 ? "O3'" ? A DG 13 "O3'" 
6  1 Y 1 A DG 13 ? "C2'" ? A DG 13 "C2'" 
7  1 Y 1 A DG 13 ? "C1'" ? A DG 13 "C1'" 
8  1 Y 1 A DG 13 ? N9    ? A DG 13 N9    
9  1 Y 1 A DG 13 ? C8    ? A DG 13 C8    
10 1 Y 1 A DG 13 ? N7    ? A DG 13 N7    
11 1 Y 1 A DG 13 ? C5    ? A DG 13 C5    
12 1 Y 1 A DG 13 ? C6    ? A DG 13 C6    
13 1 Y 1 A DG 13 ? O6    ? A DG 13 O6    
14 1 Y 1 A DG 13 ? N1    ? A DG 13 N1    
15 1 Y 1 A DG 13 ? C2    ? A DG 13 C2    
16 1 Y 1 A DG 13 ? N2    ? A DG 13 N2    
17 1 Y 1 A DG 13 ? N3    ? A DG 13 N3    
18 1 Y 1 A DG 13 ? C4    ? A DG 13 C4    
# 
loop_
_chem_comp_atom.comp_id 
_chem_comp_atom.atom_id 
_chem_comp_atom.type_symbol 
_chem_comp_atom.pdbx_aromatic_flag 
_chem_comp_atom.pdbx_stereo_config 
_chem_comp_atom.pdbx_ordinal 
DA OP3    O  N N 1   
DA P      P  N N 2   
DA OP1    O  N N 3   
DA OP2    O  N N 4   
DA "O5'"  O  N N 5   
DA "C5'"  C  N N 6   
DA "C4'"  C  N R 7   
DA "O4'"  O  N N 8   
DA "C3'"  C  N S 9   
DA "O3'"  O  N N 10  
DA "C2'"  C  N N 11  
DA "C1'"  C  N R 12  
DA N9     N  Y N 13  
DA C8     C  Y N 14  
DA N7     N  Y N 15  
DA C5     C  Y N 16  
DA C6     C  Y N 17  
DA N6     N  N N 18  
DA N1     N  Y N 19  
DA C2     C  Y N 20  
DA N3     N  Y N 21  
DA C4     C  Y N 22  
DA HOP3   H  N N 23  
DA HOP2   H  N N 24  
DA "H5'"  H  N N 25  
DA "H5''" H  N N 26  
DA "H4'"  H  N N 27  
DA "H3'"  H  N N 28  
DA "HO3'" H  N N 29  
DA "H2'"  H  N N 30  
DA "H2''" H  N N 31  
DA "H1'"  H  N N 32  
DA H8     H  N N 33  
DA H61    H  N N 34  
DA H62    H  N N 35  
DA H2     H  N N 36  
DC OP3    O  N N 37  
DC P      P  N N 38  
DC OP1    O  N N 39  
DC OP2    O  N N 40  
DC "O5'"  O  N N 41  
DC "C5'"  C  N N 42  
DC "C4'"  C  N R 43  
DC "O4'"  O  N N 44  
DC "C3'"  C  N S 45  
DC "O3'"  O  N N 46  
DC "C2'"  C  N N 47  
DC "C1'"  C  N R 48  
DC N1     N  N N 49  
DC C2     C  N N 50  
DC O2     O  N N 51  
DC N3     N  N N 52  
DC C4     C  N N 53  
DC N4     N  N N 54  
DC C5     C  N N 55  
DC C6     C  N N 56  
DC HOP3   H  N N 57  
DC HOP2   H  N N 58  
DC "H5'"  H  N N 59  
DC "H5''" H  N N 60  
DC "H4'"  H  N N 61  
DC "H3'"  H  N N 62  
DC "HO3'" H  N N 63  
DC "H2'"  H  N N 64  
DC "H2''" H  N N 65  
DC "H1'"  H  N N 66  
DC H41    H  N N 67  
DC H42    H  N N 68  
DC H5     H  N N 69  
DC H6     H  N N 70  
DG OP3    O  N N 71  
DG P      P  N N 72  
DG OP1    O  N N 73  
DG OP2    O  N N 74  
DG "O5'"  O  N N 75  
DG "C5'"  C  N N 76  
DG "C4'"  C  N R 77  
DG "O4'"  O  N N 78  
DG "C3'"  C  N S 79  
DG "O3'"  O  N N 80  
DG "C2'"  C  N N 81  
DG "C1'"  C  N R 82  
DG N9     N  Y N 83  
DG C8     C  Y N 84  
DG N7     N  Y N 85  
DG C5     C  Y N 86  
DG C6     C  N N 87  
DG O6     O  N N 88  
DG N1     N  N N 89  
DG C2     C  N N 90  
DG N2     N  N N 91  
DG N3     N  N N 92  
DG C4     C  Y N 93  
DG HOP3   H  N N 94  
DG HOP2   H  N N 95  
DG "H5'"  H  N N 96  
DG "H5''" H  N N 97  
DG "H4'"  H  N N 98  
DG "H3'"  H  N N 99  
DG "HO3'" H  N N 100 
DG "H2'"  H  N N 101 
DG "H2''" H  N N 102 
DG "H1'"  H  N N 103 
DG H8     H  N N 104 
DG H1     H  N N 105 
DG H21    H  N N 106 
DG H22    H  N N 107 
MG MG     MG N N 108 
# 
loop_
_chem_comp_bond.comp_id 
_chem_comp_bond.atom_id_1 
_chem_comp_bond.atom_id_2 
_chem_comp_bond.value_order 
_chem_comp_bond.pdbx_aromatic_flag 
_chem_comp_bond.pdbx_stereo_config 
_chem_comp_bond.pdbx_ordinal 
DA OP3   P      sing N N 1   
DA OP3   HOP3   sing N N 2   
DA P     OP1    doub N N 3   
DA P     OP2    sing N N 4   
DA P     "O5'"  sing N N 5   
DA OP2   HOP2   sing N N 6   
DA "O5'" "C5'"  sing N N 7   
DA "C5'" "C4'"  sing N N 8   
DA "C5'" "H5'"  sing N N 9   
DA "C5'" "H5''" sing N N 10  
DA "C4'" "O4'"  sing N N 11  
DA "C4'" "C3'"  sing N N 12  
DA "C4'" "H4'"  sing N N 13  
DA "O4'" "C1'"  sing N N 14  
DA "C3'" "O3'"  sing N N 15  
DA "C3'" "C2'"  sing N N 16  
DA "C3'" "H3'"  sing N N 17  
DA "O3'" "HO3'" sing N N 18  
DA "C2'" "C1'"  sing N N 19  
DA "C2'" "H2'"  sing N N 20  
DA "C2'" "H2''" sing N N 21  
DA "C1'" N9     sing N N 22  
DA "C1'" "H1'"  sing N N 23  
DA N9    C8     sing Y N 24  
DA N9    C4     sing Y N 25  
DA C8    N7     doub Y N 26  
DA C8    H8     sing N N 27  
DA N7    C5     sing Y N 28  
DA C5    C6     sing Y N 29  
DA C5    C4     doub Y N 30  
DA C6    N6     sing N N 31  
DA C6    N1     doub Y N 32  
DA N6    H61    sing N N 33  
DA N6    H62    sing N N 34  
DA N1    C2     sing Y N 35  
DA C2    N3     doub Y N 36  
DA C2    H2     sing N N 37  
DA N3    C4     sing Y N 38  
DC OP3   P      sing N N 39  
DC OP3   HOP3   sing N N 40  
DC P     OP1    doub N N 41  
DC P     OP2    sing N N 42  
DC P     "O5'"  sing N N 43  
DC OP2   HOP2   sing N N 44  
DC "O5'" "C5'"  sing N N 45  
DC "C5'" "C4'"  sing N N 46  
DC "C5'" "H5'"  sing N N 47  
DC "C5'" "H5''" sing N N 48  
DC "C4'" "O4'"  sing N N 49  
DC "C4'" "C3'"  sing N N 50  
DC "C4'" "H4'"  sing N N 51  
DC "O4'" "C1'"  sing N N 52  
DC "C3'" "O3'"  sing N N 53  
DC "C3'" "C2'"  sing N N 54  
DC "C3'" "H3'"  sing N N 55  
DC "O3'" "HO3'" sing N N 56  
DC "C2'" "C1'"  sing N N 57  
DC "C2'" "H2'"  sing N N 58  
DC "C2'" "H2''" sing N N 59  
DC "C1'" N1     sing N N 60  
DC "C1'" "H1'"  sing N N 61  
DC N1    C2     sing N N 62  
DC N1    C6     sing N N 63  
DC C2    O2     doub N N 64  
DC C2    N3     sing N N 65  
DC N3    C4     doub N N 66  
DC C4    N4     sing N N 67  
DC C4    C5     sing N N 68  
DC N4    H41    sing N N 69  
DC N4    H42    sing N N 70  
DC C5    C6     doub N N 71  
DC C5    H5     sing N N 72  
DC C6    H6     sing N N 73  
DG OP3   P      sing N N 74  
DG OP3   HOP3   sing N N 75  
DG P     OP1    doub N N 76  
DG P     OP2    sing N N 77  
DG P     "O5'"  sing N N 78  
DG OP2   HOP2   sing N N 79  
DG "O5'" "C5'"  sing N N 80  
DG "C5'" "C4'"  sing N N 81  
DG "C5'" "H5'"  sing N N 82  
DG "C5'" "H5''" sing N N 83  
DG "C4'" "O4'"  sing N N 84  
DG "C4'" "C3'"  sing N N 85  
DG "C4'" "H4'"  sing N N 86  
DG "O4'" "C1'"  sing N N 87  
DG "C3'" "O3'"  sing N N 88  
DG "C3'" "C2'"  sing N N 89  
DG "C3'" "H3'"  sing N N 90  
DG "O3'" "HO3'" sing N N 91  
DG "C2'" "C1'"  sing N N 92  
DG "C2'" "H2'"  sing N N 93  
DG "C2'" "H2''" sing N N 94  
DG "C1'" N9     sing N N 95  
DG "C1'" "H1'"  sing N N 96  
DG N9    C8     sing Y N 97  
DG N9    C4     sing Y N 98  
DG C8    N7     doub Y N 99  
DG C8    H8     sing N N 100 
DG N7    C5     sing Y N 101 
DG C5    C6     sing N N 102 
DG C5    C4     doub Y N 103 
DG C6    O6     doub N N 104 
DG C6    N1     sing N N 105 
DG N1    C2     sing N N 106 
DG N1    H1     sing N N 107 
DG C2    N2     sing N N 108 
DG C2    N3     doub N N 109 
DG N2    H21    sing N N 110 
DG N2    H22    sing N N 111 
DG N3    C4     sing N N 112 
# 
loop_
_ndb_struct_conf_na.entry_id 
_ndb_struct_conf_na.feature 
4ROO 'double helix'        
4ROO 'b-form double helix' 
# 
loop_
_ndb_struct_na_base_pair.model_number 
_ndb_struct_na_base_pair.i_label_asym_id 
_ndb_struct_na_base_pair.i_label_comp_id 
_ndb_struct_na_base_pair.i_label_seq_id 
_ndb_struct_na_base_pair.i_symmetry 
_ndb_struct_na_base_pair.j_label_asym_id 
_ndb_struct_na_base_pair.j_label_comp_id 
_ndb_struct_na_base_pair.j_label_seq_id 
_ndb_struct_na_base_pair.j_symmetry 
_ndb_struct_na_base_pair.shear 
_ndb_struct_na_base_pair.stretch 
_ndb_struct_na_base_pair.stagger 
_ndb_struct_na_base_pair.buckle 
_ndb_struct_na_base_pair.propeller 
_ndb_struct_na_base_pair.opening 
_ndb_struct_na_base_pair.pair_number 
_ndb_struct_na_base_pair.pair_name 
_ndb_struct_na_base_pair.i_auth_asym_id 
_ndb_struct_na_base_pair.i_auth_seq_id 
_ndb_struct_na_base_pair.i_PDB_ins_code 
_ndb_struct_na_base_pair.j_auth_asym_id 
_ndb_struct_na_base_pair.j_auth_seq_id 
_ndb_struct_na_base_pair.j_PDB_ins_code 
_ndb_struct_na_base_pair.hbond_type_28 
_ndb_struct_na_base_pair.hbond_type_12 
1 A DC 4 1_555 A DG 9 4_545 0.754  -0.281 0.405  1.033  -7.357  -4.263 1 A_DC4:DG9_A A 4 ? A 9 ? 19 1 
1 A DC 5 1_555 A DG 8 4_545 -1.394 0.126  -0.042 3.880  -10.450 3.944  2 A_DC5:DG8_A A 5 ? A 8 ? 19 1 
1 A DG 6 1_555 A DC 7 4_545 0.668  0.406  0.323  1.470  -4.516  -0.701 3 A_DG6:DC7_A A 6 ? A 7 ? 19 1 
1 A DC 7 1_555 A DG 6 4_545 -0.668 0.406  0.323  -1.470 -4.516  -0.701 4 A_DC7:DG6_A A 7 ? A 6 ? 19 1 
1 A DG 8 1_555 A DC 5 4_545 1.394  0.126  -0.042 -3.880 -10.450 3.944  5 A_DG8:DC5_A A 8 ? A 5 ? 19 1 
1 A DG 9 1_555 A DC 4 4_545 -0.754 -0.281 0.405  -1.033 -7.357  -4.263 6 A_DG9:DC4_A A 9 ? A 4 ? 19 1 
# 
loop_
_ndb_struct_na_base_pair_step.model_number 
_ndb_struct_na_base_pair_step.i_label_asym_id_1 
_ndb_struct_na_base_pair_step.i_label_comp_id_1 
_ndb_struct_na_base_pair_step.i_label_seq_id_1 
_ndb_struct_na_base_pair_step.i_symmetry_1 
_ndb_struct_na_base_pair_step.j_label_asym_id_1 
_ndb_struct_na_base_pair_step.j_label_comp_id_1 
_ndb_struct_na_base_pair_step.j_label_seq_id_1 
_ndb_struct_na_base_pair_step.j_symmetry_1 
_ndb_struct_na_base_pair_step.i_label_asym_id_2 
_ndb_struct_na_base_pair_step.i_label_comp_id_2 
_ndb_struct_na_base_pair_step.i_label_seq_id_2 
_ndb_struct_na_base_pair_step.i_symmetry_2 
_ndb_struct_na_base_pair_step.j_label_asym_id_2 
_ndb_struct_na_base_pair_step.j_label_comp_id_2 
_ndb_struct_na_base_pair_step.j_label_seq_id_2 
_ndb_struct_na_base_pair_step.j_symmetry_2 
_ndb_struct_na_base_pair_step.shift 
_ndb_struct_na_base_pair_step.slide 
_ndb_struct_na_base_pair_step.rise 
_ndb_struct_na_base_pair_step.tilt 
_ndb_struct_na_base_pair_step.roll 
_ndb_struct_na_base_pair_step.twist 
_ndb_struct_na_base_pair_step.x_displacement 
_ndb_struct_na_base_pair_step.y_displacement 
_ndb_struct_na_base_pair_step.helical_rise 
_ndb_struct_na_base_pair_step.inclination 
_ndb_struct_na_base_pair_step.tip 
_ndb_struct_na_base_pair_step.helical_twist 
_ndb_struct_na_base_pair_step.step_number 
_ndb_struct_na_base_pair_step.step_name 
_ndb_struct_na_base_pair_step.i_auth_asym_id_1 
_ndb_struct_na_base_pair_step.i_auth_seq_id_1 
_ndb_struct_na_base_pair_step.i_PDB_ins_code_1 
_ndb_struct_na_base_pair_step.j_auth_asym_id_1 
_ndb_struct_na_base_pair_step.j_auth_seq_id_1 
_ndb_struct_na_base_pair_step.j_PDB_ins_code_1 
_ndb_struct_na_base_pair_step.i_auth_asym_id_2 
_ndb_struct_na_base_pair_step.i_auth_seq_id_2 
_ndb_struct_na_base_pair_step.i_PDB_ins_code_2 
_ndb_struct_na_base_pair_step.j_auth_asym_id_2 
_ndb_struct_na_base_pair_step.j_auth_seq_id_2 
_ndb_struct_na_base_pair_step.j_PDB_ins_code_2 
1 A DC 4 1_555 A DG 9 4_545 A DC 5 1_555 A DG 8 4_545 -0.134 0.184  3.212 6.708  -1.252 27.623 0.656  1.777  3.083 -2.572 -13.783 
28.437 1 AA_DC4DC5:DG8DG9_AA A 4 ? A 9 ? A 5 ? A 8 ? 
1 A DC 5 1_555 A DG 8 4_545 A DG 6 1_555 A DC 7 4_545 -0.112 1.358  3.543 -7.707 4.747  47.201 1.255  -0.535 3.630 5.866  9.522   
48.012 2 AA_DC5DG6:DC7DG8_AA A 5 ? A 8 ? A 6 ? A 7 ? 
1 A DG 6 1_555 A DC 7 4_545 A DC 7 1_555 A DG 6 4_545 0.000  -0.384 3.361 0.000  -1.840 28.549 -0.348 0.000  3.379 -3.726 0.000   
28.607 3 AA_DG6DC7:DG6DC7_AA A 6 ? A 7 ? A 7 ? A 6 ? 
1 A DC 7 1_555 A DG 6 4_545 A DG 8 1_555 A DC 5 4_545 0.112  1.358  3.543 7.707  4.747  47.201 1.255  0.535  3.630 5.866  -9.522  
48.012 4 AA_DC7DG8:DC5DG6_AA A 7 ? A 6 ? A 8 ? A 5 ? 
1 A DG 8 1_555 A DC 5 4_545 A DG 9 1_555 A DC 4 4_545 0.134  0.184  3.212 -6.708 -1.252 27.623 0.656  -1.777 3.083 -2.572 13.783  
28.437 5 AA_DG8DG9:DC4DC5_AA A 8 ? A 5 ? A 9 ? A 4 ? 
# 
_pdbx_entity_nonpoly.entity_id   2 
_pdbx_entity_nonpoly.name        'MAGNESIUM ION' 
_pdbx_entity_nonpoly.comp_id     MG 
# 
_pdbx_initial_refinement_model.id               1 
_pdbx_initial_refinement_model.entity_id_list   ? 
_pdbx_initial_refinement_model.type             'experimental model' 
_pdbx_initial_refinement_model.source_name      PDB 
_pdbx_initial_refinement_model.accession_code   1P1Y 
_pdbx_initial_refinement_model.details          ? 
# 
